data_2V17
#
_entry.id   2V17
#
_cell.length_a   71.541
_cell.length_b   36.808
_cell.length_c   85.543
_cell.angle_alpha   90.00
_cell.angle_beta   113.93
_cell.angle_gamma   90.00
#
_symmetry.space_group_name_H-M   'P 1 21 1'
#
loop_
_entity.id
_entity.type
_entity.pdbx_description
1 polymer 'PEPTIDE FRAGMENT'
2 polymer 'MONOCLONAL ANTIBODY FAB FRAGMENT MN423'
3 polymer 'MONOCLONAL ANTIBODY FAB FRAGMENT MN423'
4 water water
#
loop_
_entity_poly.entity_id
_entity_poly.type
_entity_poly.pdbx_seq_one_letter_code
_entity_poly.pdbx_strand_id
1 'polypeptide(L)' TDHGAE A
2 'polypeptide(L)'
;EVNLVESGGGLEQSGGSLSLSCAASGFTFTDYYMSWVRQPPGKALEWLALIRNKAKGYTTEYSASVKGRFTISRDNSQSI
LYLQMNALRAEDSAIYYCARDNGAARATFAYWGQGTLVTVSAAKTTPPSVYPLAPGCGDTTGSSVTLGCLVKGYFPESVT
VTWNSGSLSSSVHTFPALLQSGLYTMSSSVTVPSSTWPSQTVTCSVAHPASSTTVDKKLEPS
;
H
3 'polypeptide(L)'
;DVQITQSPSYLAASPGETITINCRASKSIRKFLAWYREKPGKTNKLLIYSGSTLQSGTPSRFSGSGSGTDFTLTISRLEP
EDFAMYYCQQHNDYPLTFGAGTKLELKRADAAPTVSIFPPSSEQLTSGGASVVCFLNNFYPKDINVKWKIDGSERQNGVL
NSWTDQDSKDSTYSMSSTLTLTKDEYERHNSYTCEATHKTSTSPIVKSFNRNEC
;
L
#
# COMPACT_ATOMS: atom_id res chain seq x y z
N THR A 1 -29.54 14.95 18.06
CA THR A 1 -29.97 15.61 16.78
C THR A 1 -28.95 16.65 16.24
N ASP A 2 -28.04 17.15 17.10
CA ASP A 2 -26.78 17.77 16.64
C ASP A 2 -25.78 16.63 16.50
N HIS A 3 -25.47 16.24 15.25
CA HIS A 3 -24.52 15.17 14.98
C HIS A 3 -23.25 15.76 14.34
N GLY A 4 -22.97 17.06 14.55
CA GLY A 4 -21.76 17.67 14.02
C GLY A 4 -22.02 18.53 12.81
N ALA A 5 -20.98 18.69 12.00
CA ALA A 5 -21.08 19.44 10.74
C ALA A 5 -22.14 18.82 9.82
N GLU A 6 -22.80 19.68 9.06
CA GLU A 6 -23.87 19.27 8.19
C GLU A 6 -23.82 20.16 6.96
N GLU B 1 -26.48 -3.67 1.00
CA GLU B 1 -26.17 -3.81 -0.42
C GLU B 1 -25.71 -2.49 -1.02
N VAL B 2 -25.17 -1.57 -0.20
CA VAL B 2 -24.61 -0.31 -0.70
C VAL B 2 -23.31 -0.65 -1.42
N ASN B 3 -23.17 -0.12 -2.64
CA ASN B 3 -21.93 -0.18 -3.39
C ASN B 3 -21.63 1.18 -3.99
N LEU B 4 -20.34 1.50 -3.97
CA LEU B 4 -19.78 2.71 -4.57
C LEU B 4 -18.64 2.26 -5.45
N VAL B 5 -18.69 2.61 -6.73
CA VAL B 5 -17.65 2.23 -7.69
C VAL B 5 -17.05 3.42 -8.45
N GLU B 6 -15.81 3.73 -8.11
CA GLU B 6 -15.10 4.83 -8.75
C GLU B 6 -14.51 4.33 -10.05
N SER B 7 -14.48 5.24 -11.02
CA SER B 7 -13.76 5.02 -12.26
C SER B 7 -13.22 6.33 -12.78
N GLY B 8 -12.33 6.23 -13.78
CA GLY B 8 -11.87 7.39 -14.51
C GLY B 8 -10.42 7.73 -14.20
N GLY B 9 -9.86 7.03 -13.23
CA GLY B 9 -8.46 7.20 -12.92
C GLY B 9 -7.59 6.69 -14.05
N GLY B 10 -6.42 7.30 -14.16
CA GLY B 10 -5.41 6.78 -15.06
C GLY B 10 -4.30 7.81 -15.10
N LEU B 11 -3.49 7.68 -16.15
CA LEU B 11 -2.33 8.53 -16.35
C LEU B 11 -2.68 9.79 -17.14
N GLU B 12 -2.31 10.93 -16.57
CA GLU B 12 -2.39 12.23 -17.22
C GLU B 12 -1.08 12.99 -17.04
N GLN B 13 -0.80 13.92 -17.94
CA GLN B 13 0.30 14.86 -17.73
C GLN B 13 -0.13 16.05 -16.93
N SER B 14 0.84 16.74 -16.36
CA SER B 14 0.60 17.98 -15.66
C SER B 14 -0.02 18.98 -16.63
N GLY B 15 -0.93 19.75 -16.08
CA GLY B 15 -1.49 20.89 -16.79
C GLY B 15 -2.87 20.69 -17.31
N GLY B 16 -3.29 19.44 -17.51
CA GLY B 16 -4.60 19.20 -18.09
C GLY B 16 -5.66 18.95 -17.05
N SER B 17 -6.77 18.34 -17.49
CA SER B 17 -7.92 18.12 -16.65
C SER B 17 -8.37 16.68 -16.76
N LEU B 18 -9.01 16.16 -15.71
CA LEU B 18 -9.52 14.78 -15.66
C LEU B 18 -10.85 14.83 -14.91
N SER B 19 -11.78 13.94 -15.22
CA SER B 19 -13.02 13.81 -14.47
C SER B 19 -13.19 12.36 -14.01
N LEU B 20 -13.48 12.20 -12.73
CA LEU B 20 -13.76 10.89 -12.13
C LEU B 20 -15.26 10.73 -11.93
N SER B 21 -15.72 9.47 -11.91
CA SER B 21 -17.11 9.08 -11.65
C SER B 21 -17.19 8.13 -10.48
N CYS B 22 -18.31 8.16 -9.79
CA CYS B 22 -18.61 7.20 -8.74
C CYS B 22 -20.06 6.75 -8.92
N ALA B 23 -20.23 5.47 -9.24
CA ALA B 23 -21.55 4.88 -9.49
C ALA B 23 -22.04 4.34 -8.15
N ALA B 24 -23.15 4.88 -7.69
CA ALA B 24 -23.76 4.52 -6.42
C ALA B 24 -24.95 3.62 -6.65
N SER B 25 -25.09 2.61 -5.80
CA SER B 25 -26.24 1.70 -5.83
C SER B 25 -26.56 1.18 -4.47
N GLY B 26 -27.77 0.72 -4.29
CA GLY B 26 -28.14 0.08 -3.06
C GLY B 26 -28.73 0.99 -2.02
N PHE B 27 -28.93 2.28 -2.38
CA PHE B 27 -29.56 3.26 -1.50
C PHE B 27 -30.22 4.39 -2.28
N THR B 28 -31.06 5.17 -1.60
CA THR B 28 -31.68 6.34 -2.21
C THR B 28 -30.66 7.48 -2.32
N PHE B 29 -30.09 7.62 -3.51
CA PHE B 29 -28.95 8.54 -3.75
C PHE B 29 -29.21 9.95 -3.22
N THR B 30 -30.38 10.51 -3.55
CA THR B 30 -30.71 11.90 -3.29
C THR B 30 -30.85 12.22 -1.78
N ASP B 31 -31.01 11.20 -0.95
CA ASP B 31 -31.14 11.37 0.49
C ASP B 31 -29.79 11.60 1.23
N TYR B 32 -28.66 11.40 0.54
CA TYR B 32 -27.34 11.35 1.21
C TYR B 32 -26.34 12.37 0.69
N TYR B 33 -25.47 12.80 1.60
CA TYR B 33 -24.26 13.58 1.30
C TYR B 33 -23.20 12.66 0.68
N MET B 34 -22.56 13.14 -0.38
CA MET B 34 -21.52 12.40 -1.06
C MET B 34 -20.24 13.25 -1.05
N SER B 35 -19.11 12.58 -0.91
CA SER B 35 -17.79 13.18 -0.84
C SER B 35 -16.73 12.46 -1.65
N TRP B 36 -15.68 13.21 -1.94
CA TRP B 36 -14.41 12.67 -2.43
C TRP B 36 -13.31 12.88 -1.38
N VAL B 37 -12.54 11.83 -1.17
CA VAL B 37 -11.37 11.79 -0.28
C VAL B 37 -10.23 11.12 -1.03
N ARG B 38 -9.00 11.66 -0.94
CA ARG B 38 -7.86 11.01 -1.62
C ARG B 38 -6.80 10.53 -0.66
N GLN B 39 -5.96 9.62 -1.12
CA GLN B 39 -4.84 9.11 -0.32
C GLN B 39 -3.67 8.80 -1.23
N PRO B 40 -2.66 9.64 -1.16
CA PRO B 40 -1.41 9.37 -1.90
C PRO B 40 -0.69 8.16 -1.34
N PRO B 41 0.30 7.67 -2.10
CA PRO B 41 0.96 6.39 -1.83
C PRO B 41 1.41 6.27 -0.40
N GLY B 42 2.09 7.29 0.06
CA GLY B 42 2.77 7.27 1.36
C GLY B 42 2.07 8.05 2.44
N LYS B 43 0.97 8.70 2.09
CA LYS B 43 0.44 9.73 2.93
C LYS B 43 -0.96 9.48 3.58
N ALA B 44 -1.32 10.56 4.22
CA ALA B 44 -2.53 10.71 4.95
C ALA B 44 -3.75 10.72 4.01
N LEU B 45 -4.90 10.44 4.58
CA LEU B 45 -6.17 10.67 3.89
C LEU B 45 -6.41 12.16 3.84
N GLU B 46 -7.00 12.67 2.74
CA GLU B 46 -7.22 14.11 2.56
C GLU B 46 -8.61 14.30 1.97
N TRP B 47 -9.53 14.83 2.78
CA TRP B 47 -10.85 15.13 2.30
C TRP B 47 -10.76 16.27 1.31
N LEU B 48 -11.55 16.18 0.23
CA LEU B 48 -11.50 17.12 -0.89
C LEU B 48 -12.75 17.94 -1.06
N ALA B 49 -13.90 17.28 -1.07
CA ALA B 49 -15.14 17.94 -1.41
C ALA B 49 -16.35 17.13 -0.96
N LEU B 50 -17.43 17.85 -0.67
CA LEU B 50 -18.68 17.28 -0.26
C LEU B 50 -19.83 17.96 -0.98
N ILE B 51 -20.85 17.18 -1.31
CA ILE B 51 -22.10 17.75 -1.85
C ILE B 51 -23.27 17.19 -1.07
N ARG B 52 -24.13 18.10 -0.66
CA ARG B 52 -25.23 17.78 0.24
C ARG B 52 -26.40 17.10 -0.48
N ASN B 53 -27.37 16.64 0.32
CA ASN B 53 -28.54 15.96 -0.22
C ASN B 53 -29.62 16.92 -0.75
N LYS B 54 -30.72 16.36 -1.23
CA LYS B 54 -31.79 17.16 -1.82
C LYS B 54 -32.36 18.11 -0.79
N ALA B 55 -32.51 17.64 0.46
CA ALA B 55 -33.08 18.47 1.55
C ALA B 55 -32.30 19.77 1.81
N LYS B 56 -31.01 19.76 1.51
CA LYS B 56 -30.14 20.92 1.68
C LYS B 56 -29.81 21.60 0.35
N GLY B 57 -30.51 21.21 -0.71
CA GLY B 57 -30.35 21.86 -1.98
C GLY B 57 -29.07 21.54 -2.74
N TYR B 58 -28.43 20.43 -2.40
CA TYR B 58 -27.27 19.98 -3.11
C TYR B 58 -26.08 20.98 -3.11
N THR B 59 -25.93 21.69 -2.02
CA THR B 59 -24.86 22.66 -1.91
C THR B 59 -23.57 21.92 -1.60
N THR B 60 -22.47 22.63 -1.80
CA THR B 60 -21.15 22.03 -1.69
C THR B 60 -20.23 22.64 -0.61
N GLU B 61 -19.21 21.87 -0.24
CA GLU B 61 -18.04 22.35 0.54
C GLU B 61 -16.77 21.80 -0.07
N TYR B 62 -15.70 22.58 0.00
CA TYR B 62 -14.42 22.20 -0.56
C TYR B 62 -13.28 22.47 0.39
N SER B 63 -12.28 21.60 0.34
CA SER B 63 -10.98 21.91 0.93
C SER B 63 -10.22 22.99 0.15
N ALA B 64 -9.82 24.05 0.85
CA ALA B 64 -9.06 25.12 0.21
C ALA B 64 -7.68 24.63 -0.25
N SER B 65 -7.26 23.46 0.22
CA SER B 65 -5.93 22.90 -0.09
C SER B 65 -5.66 22.76 -1.59
N VAL B 66 -6.70 22.44 -2.37
CA VAL B 66 -6.54 22.25 -3.80
C VAL B 66 -6.83 23.53 -4.62
N LYS B 67 -7.00 24.66 -3.94
CA LYS B 67 -7.03 25.99 -4.60
C LYS B 67 -8.11 26.08 -5.67
N GLY B 68 -9.28 25.55 -5.34
CA GLY B 68 -10.43 25.58 -6.22
C GLY B 68 -10.41 24.71 -7.45
N ARG B 69 -9.38 23.89 -7.61
CA ARG B 69 -9.16 23.19 -8.88
C ARG B 69 -10.12 22.05 -9.13
N PHE B 70 -10.83 21.57 -8.12
CA PHE B 70 -11.71 20.43 -8.31
C PHE B 70 -13.17 20.89 -8.13
N THR B 71 -14.08 20.29 -8.87
CA THR B 71 -15.50 20.62 -8.76
C THR B 71 -16.30 19.34 -8.55
N ILE B 72 -17.10 19.29 -7.50
CA ILE B 72 -17.92 18.12 -7.21
C ILE B 72 -19.34 18.39 -7.76
N SER B 73 -19.96 17.36 -8.32
CA SER B 73 -21.32 17.45 -8.87
C SER B 73 -21.98 16.08 -8.81
N ARG B 74 -23.28 16.06 -8.97
CA ARG B 74 -24.04 14.80 -8.88
C ARG B 74 -25.10 14.78 -9.97
N ASP B 75 -25.26 13.60 -10.56
CA ASP B 75 -26.28 13.32 -11.55
C ASP B 75 -27.29 12.47 -10.81
N ASN B 76 -28.39 13.11 -10.38
CA ASN B 76 -29.30 12.49 -9.47
C ASN B 76 -30.13 11.35 -10.14
N SER B 77 -30.52 11.51 -11.41
CA SER B 77 -31.30 10.46 -12.11
C SER B 77 -30.50 9.18 -12.26
N GLN B 78 -29.19 9.32 -12.50
CA GLN B 78 -28.34 8.19 -12.79
C GLN B 78 -27.58 7.68 -11.56
N SER B 79 -27.69 8.39 -10.45
CA SER B 79 -27.00 8.04 -9.20
C SER B 79 -25.49 7.99 -9.42
N ILE B 80 -24.96 9.03 -10.06
CA ILE B 80 -23.52 9.14 -10.32
C ILE B 80 -22.99 10.42 -9.68
N LEU B 81 -21.90 10.30 -8.93
CA LEU B 81 -21.15 11.45 -8.39
C LEU B 81 -19.91 11.72 -9.28
N TYR B 82 -19.59 12.98 -9.53
CA TYR B 82 -18.44 13.36 -10.37
C TYR B 82 -17.46 14.24 -9.59
N LEU B 83 -16.18 14.13 -9.96
CA LEU B 83 -15.16 15.09 -9.55
C LEU B 83 -14.43 15.54 -10.80
N GLN B 84 -14.59 16.81 -11.15
CA GLN B 84 -13.81 17.42 -12.27
C GLN B 84 -12.55 18.01 -11.68
N MET B 85 -11.39 17.64 -12.23
CA MET B 85 -10.07 18.02 -11.71
C MET B 85 -9.34 18.85 -12.77
N ASN B 86 -9.18 20.13 -12.50
CA ASN B 86 -8.53 21.06 -13.43
C ASN B 86 -7.09 21.30 -13.02
N ALA B 87 -6.27 21.73 -13.99
CA ALA B 87 -4.90 22.17 -13.73
C ALA B 87 -4.13 21.12 -12.90
N LEU B 88 -4.15 19.91 -13.42
CA LEU B 88 -3.54 18.78 -12.70
C LEU B 88 -2.06 18.99 -12.47
N ARG B 89 -1.60 18.48 -11.35
CA ARG B 89 -0.18 18.48 -11.01
C ARG B 89 0.26 17.14 -10.41
N ALA B 90 1.56 16.92 -10.41
CA ALA B 90 2.10 15.64 -9.96
C ALA B 90 1.63 15.27 -8.55
N GLU B 91 1.51 16.28 -7.67
CA GLU B 91 1.08 16.08 -6.28
C GLU B 91 -0.39 15.60 -6.12
N ASP B 92 -1.17 15.69 -7.18
CA ASP B 92 -2.52 15.08 -7.22
C ASP B 92 -2.51 13.56 -7.39
N SER B 93 -1.35 12.95 -7.64
CA SER B 93 -1.29 11.50 -7.80
C SER B 93 -1.74 10.87 -6.48
N ALA B 94 -2.74 9.98 -6.55
CA ALA B 94 -3.33 9.36 -5.35
C ALA B 94 -4.43 8.41 -5.73
N ILE B 95 -4.89 7.62 -4.76
CA ILE B 95 -6.13 6.88 -4.93
C ILE B 95 -7.26 7.82 -4.47
N TYR B 96 -8.31 7.91 -5.32
CA TYR B 96 -9.44 8.78 -5.10
C TYR B 96 -10.65 7.93 -4.79
N TYR B 97 -11.26 8.24 -3.64
CA TYR B 97 -12.37 7.52 -3.11
C TYR B 97 -13.61 8.39 -3.09
N CYS B 98 -14.75 7.76 -3.37
CA CYS B 98 -16.00 8.39 -3.07
C CYS B 98 -16.60 7.76 -1.82
N ALA B 99 -17.41 8.55 -1.13
CA ALA B 99 -17.95 8.15 0.17
C ALA B 99 -19.32 8.77 0.42
N ARG B 100 -20.10 8.06 1.19
CA ARG B 100 -21.45 8.43 1.56
C ARG B 100 -21.59 8.48 3.08
N ASP B 101 -22.40 9.40 3.60
CA ASP B 101 -22.54 9.60 5.07
C ASP B 101 -23.37 8.51 5.72
N ASN B 102 -23.46 8.54 7.06
CA ASN B 102 -24.12 7.48 7.78
C ASN B 102 -25.60 7.70 8.07
N GLY B 103 -26.17 8.78 7.56
CA GLY B 103 -27.58 9.07 7.74
C GLY B 103 -27.93 9.93 8.93
N ALA B 104 -26.95 10.17 9.80
CA ALA B 104 -27.11 10.94 11.03
C ALA B 104 -26.04 12.03 11.09
N ALA B 105 -24.79 11.61 11.26
CA ALA B 105 -23.65 12.49 11.20
C ALA B 105 -23.28 12.65 9.72
N ARG B 106 -23.71 13.77 9.15
CA ARG B 106 -23.67 13.99 7.74
C ARG B 106 -22.28 14.24 7.20
N ALA B 107 -21.31 14.47 8.10
CA ALA B 107 -19.92 14.68 7.71
C ALA B 107 -19.02 13.49 8.06
N THR B 108 -19.61 12.29 8.17
CA THR B 108 -18.87 11.05 8.33
C THR B 108 -19.03 10.20 7.06
N PHE B 109 -18.20 9.17 6.95
CA PHE B 109 -18.10 8.36 5.75
C PHE B 109 -18.42 6.88 6.02
N ALA B 110 -19.71 6.53 5.98
CA ALA B 110 -20.16 5.16 6.31
C ALA B 110 -19.83 4.14 5.25
N TYR B 111 -19.79 4.60 4.02
CA TYR B 111 -19.54 3.74 2.86
C TYR B 111 -18.55 4.42 1.97
N TRP B 112 -17.57 3.63 1.53
CA TRP B 112 -16.51 4.04 0.60
C TRP B 112 -16.42 3.09 -0.57
N GLY B 113 -15.92 3.56 -1.69
CA GLY B 113 -15.50 2.64 -2.75
C GLY B 113 -14.10 2.08 -2.51
N GLN B 114 -13.65 1.24 -3.46
CA GLN B 114 -12.30 0.67 -3.49
C GLN B 114 -11.28 1.68 -4.02
N GLY B 115 -11.79 2.70 -4.67
CA GLY B 115 -10.99 3.79 -5.22
C GLY B 115 -10.54 3.62 -6.65
N THR B 116 -10.10 4.73 -7.23
CA THR B 116 -9.52 4.77 -8.58
C THR B 116 -8.18 5.51 -8.51
N LEU B 117 -7.16 4.97 -9.17
CA LEU B 117 -5.79 5.51 -9.06
C LEU B 117 -5.57 6.60 -10.12
N VAL B 118 -5.21 7.79 -9.68
CA VAL B 118 -4.88 8.89 -10.57
C VAL B 118 -3.39 9.10 -10.53
N THR B 119 -2.75 9.14 -11.71
CA THR B 119 -1.30 9.34 -11.81
C THR B 119 -1.06 10.56 -12.69
N VAL B 120 -0.45 11.58 -12.12
CA VAL B 120 -0.05 12.75 -12.90
C VAL B 120 1.49 12.75 -12.96
N SER B 121 2.00 12.64 -14.18
CA SER B 121 3.42 12.43 -14.39
C SER B 121 3.79 12.73 -15.81
N ALA B 122 5.08 12.96 -16.02
CA ALA B 122 5.65 13.07 -17.35
C ALA B 122 5.96 11.72 -17.96
N ALA B 123 6.07 10.68 -17.12
CA ALA B 123 6.46 9.34 -17.64
C ALA B 123 5.34 8.78 -18.52
N LYS B 124 5.72 7.94 -19.47
CA LYS B 124 4.78 7.41 -20.50
C LYS B 124 4.42 5.96 -20.21
N THR B 125 3.25 5.53 -20.66
CA THR B 125 2.85 4.13 -20.58
C THR B 125 3.94 3.24 -21.21
N THR B 126 4.49 2.33 -20.42
CA THR B 126 5.62 1.51 -20.78
C THR B 126 5.45 0.12 -20.20
N PRO B 127 5.66 -0.94 -20.98
CA PRO B 127 5.57 -2.30 -20.43
C PRO B 127 6.79 -2.71 -19.59
N PRO B 128 6.63 -3.63 -18.67
CA PRO B 128 7.77 -4.07 -17.87
C PRO B 128 8.71 -5.01 -18.65
N SER B 129 9.98 -4.97 -18.24
CA SER B 129 10.95 -6.04 -18.49
C SER B 129 10.91 -6.97 -17.30
N VAL B 130 10.89 -8.28 -17.54
CA VAL B 130 10.86 -9.27 -16.47
C VAL B 130 12.10 -10.16 -16.54
N TYR B 131 12.84 -10.22 -15.43
CA TYR B 131 14.05 -10.97 -15.34
C TYR B 131 13.92 -12.07 -14.27
N PRO B 132 14.35 -13.28 -14.62
CA PRO B 132 14.28 -14.41 -13.70
C PRO B 132 15.40 -14.34 -12.63
N LEU B 133 15.08 -14.77 -11.41
CA LEU B 133 16.03 -14.78 -10.31
C LEU B 133 16.05 -16.23 -9.81
N ALA B 134 17.12 -16.94 -10.11
CA ALA B 134 17.17 -18.35 -9.77
C ALA B 134 18.58 -18.65 -9.31
N PRO B 135 18.76 -19.66 -8.47
CA PRO B 135 20.11 -20.08 -8.12
C PRO B 135 20.82 -20.73 -9.30
N GLY B 136 22.15 -20.62 -9.26
CA GLY B 136 23.03 -21.49 -10.02
C GLY B 136 24.52 -21.34 -9.75
N CYS B 137 24.94 -20.18 -9.22
CA CYS B 137 26.34 -19.79 -9.18
C CYS B 137 26.88 -19.53 -7.75
N GLY B 138 27.77 -20.40 -7.30
CA GLY B 138 28.19 -20.47 -5.91
C GLY B 138 27.43 -21.60 -5.24
N ASP B 139 27.08 -21.41 -3.98
CA ASP B 139 26.39 -22.46 -3.22
C ASP B 139 25.03 -22.83 -3.80
N THR B 140 24.63 -24.07 -3.54
CA THR B 140 23.25 -24.55 -3.71
C THR B 140 22.99 -25.66 -2.67
N THR B 141 22.33 -25.30 -1.56
CA THR B 141 21.97 -26.26 -0.51
C THR B 141 20.51 -26.10 -0.05
N GLY B 142 20.14 -26.87 0.96
CA GLY B 142 18.89 -26.68 1.67
C GLY B 142 17.76 -27.49 1.08
N SER B 143 16.71 -27.65 1.87
CA SER B 143 15.52 -28.38 1.44
C SER B 143 14.49 -27.49 0.72
N SER B 144 14.78 -26.19 0.67
CA SER B 144 13.92 -25.23 -0.03
C SER B 144 14.76 -24.29 -0.88
N VAL B 145 14.22 -23.91 -2.03
CA VAL B 145 14.92 -23.07 -2.99
C VAL B 145 14.08 -21.83 -3.12
N THR B 146 14.70 -20.66 -3.08
CA THR B 146 13.98 -19.40 -3.28
C THR B 146 14.23 -18.89 -4.67
N LEU B 147 13.14 -18.61 -5.39
CA LEU B 147 13.16 -18.09 -6.75
C LEU B 147 12.48 -16.74 -6.77
N GLY B 148 12.70 -15.96 -7.84
CA GLY B 148 12.00 -14.70 -7.93
C GLY B 148 11.94 -14.14 -9.35
N CYS B 149 11.22 -13.03 -9.49
CA CYS B 149 11.21 -12.28 -10.71
C CYS B 149 11.35 -10.80 -10.40
N LEU B 150 12.22 -10.13 -11.16
CA LEU B 150 12.42 -8.70 -11.05
C LEU B 150 11.65 -8.07 -12.20
N VAL B 151 10.77 -7.14 -11.89
CA VAL B 151 9.87 -6.53 -12.85
C VAL B 151 10.22 -5.05 -12.90
N LYS B 152 10.90 -4.64 -13.95
CA LYS B 152 11.59 -3.36 -13.97
C LYS B 152 11.13 -2.48 -15.13
N GLY B 153 11.04 -1.18 -14.86
CA GLY B 153 10.87 -0.19 -15.91
C GLY B 153 9.50 -0.05 -16.53
N TYR B 154 8.46 -0.24 -15.73
CA TYR B 154 7.09 -0.09 -16.24
C TYR B 154 6.43 1.18 -15.70
N PHE B 155 5.37 1.56 -16.41
CA PHE B 155 4.59 2.75 -16.03
C PHE B 155 3.23 2.77 -16.71
N PRO B 156 2.17 3.24 -16.08
CA PRO B 156 2.02 3.56 -14.64
C PRO B 156 1.84 2.24 -13.86
N GLU B 157 1.51 2.34 -12.57
CA GLU B 157 1.05 1.18 -11.80
C GLU B 157 -0.29 0.73 -12.38
N SER B 158 -0.74 -0.49 -12.14
CA SER B 158 -0.04 -1.52 -11.36
C SER B 158 0.26 -2.78 -12.20
N VAL B 159 1.01 -3.69 -11.60
CA VAL B 159 1.22 -5.02 -12.18
C VAL B 159 0.74 -6.05 -11.20
N THR B 160 0.42 -7.24 -11.72
CA THR B 160 0.10 -8.38 -10.89
C THR B 160 1.07 -9.51 -11.28
N VAL B 161 1.61 -10.20 -10.28
CA VAL B 161 2.46 -11.37 -10.51
C VAL B 161 1.75 -12.59 -9.96
N THR B 162 1.65 -13.62 -10.78
CA THR B 162 0.98 -14.88 -10.46
C THR B 162 1.98 -16.01 -10.71
N TRP B 163 2.23 -16.86 -9.71
CA TRP B 163 3.17 -17.96 -9.90
C TRP B 163 2.46 -19.31 -10.12
N ASN B 164 2.96 -20.12 -11.05
CA ASN B 164 2.61 -21.57 -11.20
C ASN B 164 3.87 -22.47 -11.41
N SER B 165 4.11 -23.61 -10.75
CA SER B 165 3.35 -24.25 -9.65
C SER B 165 1.95 -24.88 -9.91
N GLY B 166 0.99 -24.55 -9.06
CA GLY B 166 -0.13 -25.45 -8.80
C GLY B 166 0.17 -26.34 -7.58
N SER B 167 -0.29 -27.60 -7.63
CA SER B 167 -0.34 -28.50 -6.44
C SER B 167 0.55 -28.15 -5.23
N LEU B 168 1.86 -28.02 -5.43
CA LEU B 168 2.75 -27.60 -4.35
C LEU B 168 2.33 -26.22 -3.78
N SER B 169 2.36 -26.09 -2.46
CA SER B 169 1.80 -24.91 -1.80
C SER B 169 2.72 -23.66 -1.85
N SER B 170 4.03 -23.87 -2.01
CA SER B 170 4.97 -22.77 -2.23
C SER B 170 4.90 -21.71 -1.11
N SER B 171 5.53 -20.54 -1.30
CA SER B 171 5.21 -19.38 -0.46
C SER B 171 5.62 -18.11 -1.18
N VAL B 172 4.68 -17.21 -1.45
CA VAL B 172 4.93 -16.03 -2.31
C VAL B 172 4.97 -14.69 -1.52
N HIS B 173 5.92 -13.83 -1.90
CA HIS B 173 6.02 -12.47 -1.37
C HIS B 173 5.95 -11.56 -2.59
N THR B 174 5.05 -10.58 -2.58
CA THR B 174 4.93 -9.57 -3.62
C THR B 174 5.38 -8.24 -3.04
N PHE B 175 6.48 -7.71 -3.53
CA PHE B 175 7.07 -6.51 -2.97
C PHE B 175 6.48 -5.29 -3.67
N PRO B 176 6.04 -4.29 -2.89
CA PRO B 176 5.45 -3.08 -3.48
C PRO B 176 6.41 -2.34 -4.41
N ALA B 177 5.84 -1.75 -5.45
CA ALA B 177 6.60 -0.98 -6.42
C ALA B 177 7.20 0.34 -5.91
N LEU B 178 8.36 0.67 -6.46
CA LEU B 178 9.11 1.90 -6.15
C LEU B 178 9.57 2.54 -7.46
N LEU B 179 9.59 3.87 -7.51
CA LEU B 179 10.13 4.60 -8.65
C LEU B 179 11.65 4.64 -8.60
N GLN B 180 12.27 4.49 -9.76
CA GLN B 180 13.71 4.63 -9.97
C GLN B 180 13.88 5.02 -11.43
N SER B 181 14.59 6.12 -11.68
CA SER B 181 14.86 6.61 -13.05
C SER B 181 13.56 6.87 -13.81
N GLY B 182 12.54 7.33 -13.08
CA GLY B 182 11.26 7.69 -13.67
C GLY B 182 10.28 6.57 -14.00
N LEU B 183 10.58 5.33 -13.62
CA LEU B 183 9.70 4.20 -13.90
C LEU B 183 9.63 3.31 -12.67
N TYR B 184 8.59 2.51 -12.57
CA TYR B 184 8.42 1.59 -11.47
C TYR B 184 9.21 0.29 -11.60
N THR B 185 9.75 -0.17 -10.47
CA THR B 185 10.23 -1.55 -10.36
C THR B 185 9.64 -2.21 -9.13
N MET B 186 9.30 -3.49 -9.27
CA MET B 186 8.83 -4.31 -8.16
C MET B 186 9.47 -5.66 -8.31
N SER B 187 9.27 -6.53 -7.33
CA SER B 187 9.77 -7.90 -7.45
C SER B 187 8.83 -8.82 -6.71
N SER B 188 9.03 -10.11 -6.93
CA SER B 188 8.26 -11.17 -6.31
C SER B 188 9.13 -12.39 -6.11
N SER B 189 8.95 -13.05 -4.97
CA SER B 189 9.62 -14.31 -4.68
C SER B 189 8.67 -15.42 -4.34
N VAL B 190 9.16 -16.63 -4.52
CA VAL B 190 8.44 -17.84 -4.17
C VAL B 190 9.49 -18.87 -3.70
N THR B 191 9.05 -19.75 -2.84
CA THR B 191 9.93 -20.78 -2.30
C THR B 191 9.27 -22.11 -2.63
N VAL B 192 10.06 -23.00 -3.22
CA VAL B 192 9.61 -24.36 -3.54
C VAL B 192 10.56 -25.40 -2.95
N PRO B 193 10.09 -26.63 -2.73
CA PRO B 193 11.00 -27.69 -2.27
C PRO B 193 12.11 -28.04 -3.24
N SER B 194 13.29 -28.29 -2.69
CA SER B 194 14.44 -28.74 -3.46
C SER B 194 14.12 -30.04 -4.18
N SER B 195 13.23 -30.84 -3.61
CA SER B 195 12.81 -32.11 -4.23
C SER B 195 12.02 -31.92 -5.54
N THR B 196 11.47 -30.71 -5.74
CA THR B 196 10.69 -30.38 -6.93
C THR B 196 11.53 -29.70 -8.00
N TRP B 197 12.58 -29.01 -7.59
CA TRP B 197 13.30 -28.10 -8.47
C TRP B 197 14.71 -28.60 -8.77
N PRO B 198 15.17 -28.48 -10.03
CA PRO B 198 14.49 -27.80 -11.16
C PRO B 198 13.66 -28.65 -12.13
N SER B 199 13.32 -29.89 -11.76
CA SER B 199 12.67 -30.77 -12.74
C SER B 199 11.23 -30.38 -13.04
N GLN B 200 10.53 -29.81 -12.05
CA GLN B 200 9.18 -29.29 -12.23
C GLN B 200 9.25 -27.82 -12.59
N THR B 201 8.38 -27.43 -13.52
CA THR B 201 8.34 -26.07 -14.06
C THR B 201 7.81 -25.06 -13.04
N VAL B 202 8.51 -23.94 -12.91
CA VAL B 202 7.98 -22.77 -12.19
C VAL B 202 8.01 -21.56 -13.09
N THR B 203 6.88 -20.86 -13.16
CA THR B 203 6.72 -19.70 -14.05
C THR B 203 6.16 -18.51 -13.26
N CYS B 204 6.74 -17.32 -13.43
CA CYS B 204 6.07 -16.10 -12.96
C CYS B 204 5.36 -15.42 -14.09
N SER B 205 4.08 -15.15 -13.90
CA SER B 205 3.26 -14.54 -14.93
C SER B 205 2.99 -13.10 -14.51
N VAL B 206 3.48 -12.15 -15.30
CA VAL B 206 3.43 -10.74 -14.95
C VAL B 206 2.50 -10.00 -15.86
N ALA B 207 1.41 -9.46 -15.31
CA ALA B 207 0.40 -8.70 -16.11
C ALA B 207 0.53 -7.20 -15.82
N HIS B 208 0.64 -6.40 -16.89
CA HIS B 208 0.57 -4.95 -16.82
C HIS B 208 -0.56 -4.45 -17.71
N PRO B 209 -1.74 -4.28 -17.14
CA PRO B 209 -2.93 -3.91 -17.92
C PRO B 209 -2.79 -2.64 -18.73
N ALA B 210 -2.03 -1.67 -18.22
CA ALA B 210 -1.96 -0.38 -18.88
C ALA B 210 -1.38 -0.50 -20.28
N SER B 211 -0.40 -1.39 -20.44
CA SER B 211 0.25 -1.62 -21.72
C SER B 211 -0.24 -2.87 -22.45
N SER B 212 -1.21 -3.53 -21.88
CA SER B 212 -1.78 -4.77 -22.42
C SER B 212 -0.72 -5.87 -22.55
N THR B 213 0.18 -5.96 -21.57
CA THR B 213 1.29 -6.92 -21.60
C THR B 213 1.13 -7.99 -20.54
N THR B 214 1.35 -9.25 -20.92
CA THR B 214 1.54 -10.32 -19.94
C THR B 214 2.80 -11.10 -20.34
N VAL B 215 3.69 -11.30 -19.38
CA VAL B 215 4.98 -11.95 -19.63
C VAL B 215 4.99 -13.19 -18.75
N ASP B 216 5.09 -14.38 -19.35
CA ASP B 216 5.24 -15.63 -18.61
C ASP B 216 6.70 -16.03 -18.65
N LYS B 217 7.40 -15.87 -17.55
CA LYS B 217 8.83 -16.12 -17.53
C LYS B 217 9.12 -17.43 -16.81
N LYS B 218 9.76 -18.38 -17.48
CA LYS B 218 10.10 -19.66 -16.86
C LYS B 218 11.40 -19.49 -16.08
N LEU B 219 11.41 -20.03 -14.87
CA LEU B 219 12.59 -19.99 -14.01
C LEU B 219 13.39 -21.23 -14.35
N GLU B 220 14.66 -21.00 -14.74
CA GLU B 220 15.64 -22.04 -15.06
C GLU B 220 16.86 -21.85 -14.16
N PRO B 221 17.54 -22.92 -13.79
CA PRO B 221 18.82 -22.77 -13.07
C PRO B 221 19.85 -21.90 -13.84
N SER B 222 20.70 -21.19 -13.10
CA SER B 222 21.92 -20.56 -13.65
C SER B 222 23.05 -21.59 -13.78
N ASP C 1 -7.22 25.38 10.11
CA ASP C 1 -7.91 24.07 10.01
C ASP C 1 -7.62 23.27 11.27
N VAL C 2 -8.49 22.34 11.61
CA VAL C 2 -8.24 21.50 12.80
C VAL C 2 -7.19 20.47 12.44
N GLN C 3 -6.05 20.52 13.12
CA GLN C 3 -4.99 19.54 12.98
C GLN C 3 -5.21 18.46 14.01
N ILE C 4 -5.17 17.19 13.59
CA ILE C 4 -5.33 16.11 14.57
C ILE C 4 -4.10 15.23 14.65
N THR C 5 -3.64 15.03 15.88
CA THR C 5 -2.44 14.27 16.18
C THR C 5 -2.86 12.93 16.76
N GLN C 6 -2.61 11.88 16.00
CA GLN C 6 -2.98 10.51 16.34
C GLN C 6 -1.75 9.74 16.80
N SER C 7 -1.87 9.07 17.94
CA SER C 7 -0.73 8.33 18.49
C SER C 7 -1.21 7.09 19.25
N PRO C 8 -0.45 5.99 19.30
CA PRO C 8 0.81 5.82 18.60
C PRO C 8 0.59 5.54 17.12
N SER C 9 1.65 5.63 16.33
CA SER C 9 1.60 5.32 14.91
C SER C 9 1.64 3.82 14.65
N TYR C 10 2.11 3.05 15.61
CA TYR C 10 2.30 1.60 15.45
C TYR C 10 2.01 0.91 16.79
N LEU C 11 1.28 -0.20 16.72
CA LEU C 11 0.97 -1.07 17.86
C LEU C 11 1.12 -2.55 17.43
N ALA C 12 1.69 -3.40 18.29
CA ALA C 12 1.61 -4.83 18.06
C ALA C 12 0.77 -5.50 19.14
N ALA C 13 -0.11 -6.41 18.75
CA ALA C 13 -0.94 -7.18 19.69
C ALA C 13 -1.36 -8.55 19.21
N SER C 14 -2.04 -9.32 20.08
CA SER C 14 -2.57 -10.63 19.69
C SER C 14 -4.07 -10.70 19.88
N PRO C 15 -4.73 -11.64 19.20
CA PRO C 15 -6.15 -11.84 19.41
C PRO C 15 -6.45 -12.07 20.87
N GLY C 16 -7.56 -11.47 21.30
CA GLY C 16 -8.00 -11.49 22.67
C GLY C 16 -7.49 -10.36 23.55
N GLU C 17 -6.52 -9.57 23.05
CA GLU C 17 -5.90 -8.51 23.84
C GLU C 17 -6.64 -7.20 23.55
N THR C 18 -6.20 -6.12 24.19
CA THR C 18 -6.82 -4.76 24.06
C THR C 18 -5.72 -3.76 23.70
N ILE C 19 -6.08 -2.80 22.84
CA ILE C 19 -5.21 -1.68 22.53
C ILE C 19 -5.99 -0.39 22.60
N THR C 20 -5.28 0.70 22.76
CA THR C 20 -5.85 2.05 22.80
C THR C 20 -5.10 2.98 21.87
N ILE C 21 -5.86 3.83 21.20
CA ILE C 21 -5.32 4.88 20.31
C ILE C 21 -5.85 6.22 20.82
N ASN C 22 -5.00 7.24 20.80
CA ASN C 22 -5.40 8.59 21.16
C ASN C 22 -5.42 9.51 19.97
N CYS C 23 -6.32 10.47 20.01
CA CYS C 23 -6.39 11.49 18.99
C CYS C 23 -6.62 12.83 19.68
N ARG C 24 -5.78 13.82 19.38
CA ARG C 24 -5.84 15.14 20.03
C ARG C 24 -5.97 16.18 18.96
N ALA C 25 -7.00 17.01 19.08
CA ALA C 25 -7.27 18.05 18.09
C ALA C 25 -6.65 19.36 18.54
N SER C 26 -6.30 20.19 17.57
CA SER C 26 -5.60 21.45 17.82
C SER C 26 -6.51 22.51 18.44
N LYS C 27 -7.80 22.32 18.25
CA LYS C 27 -8.82 23.14 18.89
C LYS C 27 -10.07 22.29 19.11
N SER C 28 -10.99 22.78 19.93
CA SER C 28 -12.18 22.00 20.23
C SER C 28 -12.93 21.56 18.99
N ILE C 29 -13.33 20.29 18.98
CA ILE C 29 -14.25 19.72 18.01
C ILE C 29 -15.52 19.23 18.69
N ARG C 30 -15.79 19.76 19.88
CA ARG C 30 -16.96 19.36 20.64
C ARG C 30 -16.85 17.84 20.85
N LYS C 31 -17.87 17.06 20.52
CA LYS C 31 -17.74 15.61 20.68
C LYS C 31 -17.52 14.87 19.35
N PHE C 32 -17.25 15.62 18.28
CA PHE C 32 -17.42 15.10 16.94
C PHE C 32 -16.15 14.53 16.31
N LEU C 33 -15.78 13.35 16.82
CA LEU C 33 -14.70 12.56 16.28
C LEU C 33 -15.21 11.19 15.83
N ALA C 34 -14.78 10.79 14.63
CA ALA C 34 -15.11 9.48 14.08
C ALA C 34 -13.86 8.61 13.94
N TRP C 35 -14.04 7.29 13.89
CA TRP C 35 -12.91 6.35 13.69
C TRP C 35 -13.22 5.40 12.56
N TYR C 36 -12.18 5.04 11.78
CA TYR C 36 -12.26 4.17 10.63
C TYR C 36 -11.20 3.08 10.71
N ARG C 37 -11.52 1.94 10.08
CA ARG C 37 -10.57 0.84 9.82
C ARG C 37 -10.34 0.71 8.32
N GLU C 38 -9.08 0.60 7.93
CA GLU C 38 -8.66 0.38 6.58
C GLU C 38 -7.86 -0.94 6.49
N LYS C 39 -8.14 -1.74 5.47
CA LYS C 39 -7.49 -3.04 5.27
C LYS C 39 -7.34 -3.24 3.75
N PRO C 40 -6.16 -3.65 3.25
CA PRO C 40 -6.04 -3.95 1.81
C PRO C 40 -7.10 -4.97 1.37
N GLY C 41 -7.75 -4.66 0.27
CA GLY C 41 -8.78 -5.46 -0.35
C GLY C 41 -10.21 -5.11 0.07
N LYS C 42 -10.34 -4.34 1.15
CA LYS C 42 -11.63 -4.00 1.72
C LYS C 42 -11.86 -2.49 1.57
N THR C 43 -13.12 -2.09 1.66
CA THR C 43 -13.43 -0.66 1.72
C THR C 43 -13.39 -0.21 3.16
N ASN C 44 -13.10 1.08 3.35
CA ASN C 44 -12.99 1.61 4.70
C ASN C 44 -14.30 1.47 5.45
N LYS C 45 -14.18 1.23 6.75
CA LYS C 45 -15.29 0.93 7.63
C LYS C 45 -15.36 1.98 8.72
N LEU C 46 -16.54 2.60 8.88
CA LEU C 46 -16.83 3.56 9.92
C LEU C 46 -17.16 2.74 11.18
N LEU C 47 -16.41 2.99 12.26
CA LEU C 47 -16.56 2.25 13.53
C LEU C 47 -17.39 2.98 14.56
N ILE C 48 -17.04 4.26 14.76
CA ILE C 48 -17.58 5.14 15.80
C ILE C 48 -17.71 6.54 15.22
N TYR C 49 -18.76 7.26 15.63
CA TYR C 49 -18.93 8.67 15.29
C TYR C 49 -19.40 9.40 16.51
N SER C 50 -19.25 10.73 16.49
CA SER C 50 -19.64 11.57 17.61
C SER C 50 -18.97 11.14 18.94
N GLY C 51 -17.71 10.73 18.81
CA GLY C 51 -16.82 10.43 19.92
C GLY C 51 -17.03 9.03 20.50
N SER C 52 -18.28 8.62 20.71
CA SER C 52 -18.63 7.42 21.46
C SER C 52 -19.76 6.58 20.87
N THR C 53 -20.38 7.06 19.79
CA THR C 53 -21.49 6.27 19.21
C THR C 53 -21.05 5.19 18.23
N LEU C 54 -21.47 3.97 18.49
CA LEU C 54 -21.17 2.86 17.57
C LEU C 54 -21.99 2.96 16.29
N GLN C 55 -21.29 2.90 15.15
CA GLN C 55 -21.93 2.72 13.85
C GLN C 55 -22.50 1.30 13.71
N SER C 56 -23.64 1.16 13.04
CA SER C 56 -24.26 -0.16 12.85
C SER C 56 -23.23 -1.09 12.22
N GLY C 57 -23.14 -2.31 12.76
CA GLY C 57 -22.17 -3.28 12.29
C GLY C 57 -20.88 -3.34 13.08
N THR C 58 -20.69 -2.38 14.00
CA THR C 58 -19.52 -2.39 14.87
C THR C 58 -19.78 -3.08 16.19
N PRO C 59 -19.00 -4.12 16.46
CA PRO C 59 -19.11 -4.87 17.71
C PRO C 59 -18.88 -4.00 18.94
N SER C 60 -19.54 -4.42 20.01
CA SER C 60 -19.51 -3.76 21.31
C SER C 60 -18.09 -3.71 21.95
N ARG C 61 -17.14 -4.50 21.47
CA ARG C 61 -15.77 -4.43 21.99
C ARG C 61 -14.99 -3.19 21.53
N PHE C 62 -15.60 -2.38 20.68
CA PHE C 62 -15.04 -1.06 20.36
C PHE C 62 -15.69 0.00 21.26
N SER C 63 -14.85 0.82 21.90
CA SER C 63 -15.25 1.82 22.89
C SER C 63 -14.56 3.11 22.46
N GLY C 64 -15.28 4.21 22.37
CA GLY C 64 -14.66 5.50 22.16
C GLY C 64 -15.15 6.52 23.18
N SER C 65 -14.31 7.51 23.50
CA SER C 65 -14.73 8.60 24.40
C SER C 65 -13.90 9.83 24.24
N GLY C 66 -14.43 10.95 24.74
CA GLY C 66 -13.71 12.21 24.74
C GLY C 66 -14.61 13.39 24.35
N SER C 67 -14.09 14.58 24.55
CA SER C 67 -14.80 15.81 24.17
C SER C 67 -13.77 16.93 24.17
N GLY C 68 -14.03 17.96 23.39
CA GLY C 68 -13.11 19.08 23.27
C GLY C 68 -11.96 18.73 22.39
N THR C 69 -10.76 18.47 22.95
CA THR C 69 -9.61 18.17 22.14
C THR C 69 -9.06 16.74 22.26
N ASP C 70 -9.36 16.05 23.35
CA ASP C 70 -8.68 14.77 23.62
C ASP C 70 -9.68 13.62 23.59
N PHE C 71 -9.40 12.68 22.70
CA PHE C 71 -10.25 11.53 22.46
C PHE C 71 -9.44 10.24 22.48
N THR C 72 -10.15 9.14 22.70
CA THR C 72 -9.59 7.81 22.76
C THR C 72 -10.50 6.79 22.10
N LEU C 73 -9.87 5.83 21.42
CA LEU C 73 -10.48 4.59 20.92
C LEU C 73 -9.83 3.39 21.61
N THR C 74 -10.63 2.48 22.13
CA THR C 74 -10.08 1.24 22.68
C THR C 74 -10.76 0.07 22.02
N ILE C 75 -9.98 -0.91 21.57
CA ILE C 75 -10.56 -2.13 21.02
C ILE C 75 -10.18 -3.23 21.96
N SER C 76 -11.17 -3.84 22.59
CA SER C 76 -10.91 -4.94 23.51
C SER C 76 -11.15 -6.28 22.81
N ARG C 77 -10.63 -7.35 23.40
CA ARG C 77 -10.84 -8.72 22.93
C ARG C 77 -10.66 -8.86 21.43
N LEU C 78 -9.49 -8.45 20.97
CA LEU C 78 -9.23 -8.33 19.55
C LEU C 78 -9.49 -9.62 18.78
N GLU C 79 -10.05 -9.48 17.59
CA GLU C 79 -10.26 -10.57 16.63
C GLU C 79 -9.36 -10.39 15.41
N PRO C 80 -9.13 -11.45 14.63
CA PRO C 80 -8.27 -11.34 13.45
C PRO C 80 -8.57 -10.18 12.49
N GLU C 81 -9.84 -9.88 12.24
CA GLU C 81 -10.17 -8.86 11.27
C GLU C 81 -9.80 -7.45 11.83
N ASP C 82 -9.41 -7.36 13.12
CA ASP C 82 -9.06 -6.06 13.69
C ASP C 82 -7.64 -5.61 13.44
N PHE C 83 -6.81 -6.50 12.93
CA PHE C 83 -5.43 -6.19 12.63
C PHE C 83 -5.39 -5.50 11.28
N ALA C 84 -5.17 -4.18 11.33
CA ALA C 84 -5.52 -3.30 10.23
C ALA C 84 -4.98 -1.89 10.57
N MET C 85 -5.30 -0.92 9.72
CA MET C 85 -4.91 0.47 9.93
C MET C 85 -6.14 1.19 10.51
N TYR C 86 -5.94 2.13 11.43
CA TYR C 86 -7.02 2.91 12.01
C TYR C 86 -6.77 4.40 11.80
N TYR C 87 -7.82 5.17 11.52
CA TYR C 87 -7.75 6.63 11.44
C TYR C 87 -8.84 7.28 12.21
N CYS C 88 -8.53 8.40 12.88
CA CYS C 88 -9.60 9.25 13.40
C CYS C 88 -9.84 10.40 12.45
N GLN C 89 -11.01 11.02 12.57
CA GLN C 89 -11.42 12.14 11.72
C GLN C 89 -12.36 13.06 12.52
N GLN C 90 -12.06 14.36 12.58
CA GLN C 90 -13.02 15.30 13.16
C GLN C 90 -14.12 15.62 12.14
N HIS C 91 -15.35 15.69 12.63
CA HIS C 91 -16.54 16.00 11.83
C HIS C 91 -17.36 17.11 12.49
N ASN C 92 -16.63 18.06 13.11
CA ASN C 92 -17.21 19.29 13.68
C ASN C 92 -17.22 20.46 12.72
N ASP C 93 -16.19 20.55 11.90
CA ASP C 93 -16.04 21.68 10.98
C ASP C 93 -15.33 21.38 9.73
N TYR C 94 -15.53 22.27 8.77
CA TYR C 94 -14.88 22.16 7.47
C TYR C 94 -13.61 23.00 7.52
N PRO C 95 -12.49 22.54 6.94
CA PRO C 95 -12.41 21.25 6.23
C PRO C 95 -12.36 20.04 7.15
N LEU C 96 -12.97 18.95 6.70
CA LEU C 96 -12.89 17.68 7.41
C LEU C 96 -11.46 17.16 7.37
N THR C 97 -10.94 16.75 8.52
CA THR C 97 -9.54 16.41 8.65
C THR C 97 -9.32 15.12 9.43
N PHE C 98 -8.21 14.47 9.12
CA PHE C 98 -7.89 13.11 9.61
C PHE C 98 -6.61 13.08 10.44
N GLY C 99 -6.56 12.14 11.37
CA GLY C 99 -5.27 11.71 11.97
C GLY C 99 -4.45 10.95 10.94
N ALA C 100 -3.16 10.83 11.20
CA ALA C 100 -2.20 10.25 10.32
C ALA C 100 -2.17 8.71 10.32
N GLY C 101 -2.88 8.09 11.25
CA GLY C 101 -3.08 6.65 11.27
C GLY C 101 -2.31 5.87 12.32
N THR C 102 -2.82 4.70 12.66
CA THR C 102 -2.15 3.76 13.55
C THR C 102 -2.20 2.37 12.90
N LYS C 103 -1.06 1.72 12.76
CA LYS C 103 -1.00 0.36 12.19
C LYS C 103 -1.01 -0.62 13.34
N LEU C 104 -2.05 -1.42 13.45
CA LEU C 104 -2.15 -2.46 14.47
C LEU C 104 -1.76 -3.76 13.84
N GLU C 105 -0.59 -4.23 14.21
CA GLU C 105 -0.08 -5.42 13.60
C GLU C 105 -0.15 -6.58 14.55
N LEU C 106 -0.03 -7.76 13.98
CA LEU C 106 -0.15 -9.01 14.74
C LEU C 106 1.19 -9.32 15.32
N LYS C 107 1.23 -9.53 16.62
CA LYS C 107 2.42 -10.02 17.29
C LYS C 107 2.73 -11.48 16.90
N ARG C 108 4.00 -11.78 16.75
CA ARG C 108 4.47 -13.14 16.63
C ARG C 108 5.91 -13.18 17.24
N ALA C 109 6.47 -14.37 17.36
CA ALA C 109 7.84 -14.53 17.84
C ALA C 109 8.84 -13.95 16.86
N ASP C 110 9.89 -13.38 17.40
CA ASP C 110 10.96 -12.87 16.55
C ASP C 110 11.53 -13.99 15.66
N ALA C 111 11.86 -13.63 14.44
CA ALA C 111 12.47 -14.57 13.49
C ALA C 111 13.51 -13.86 12.64
N ALA C 112 14.67 -14.49 12.49
CA ALA C 112 15.69 -14.03 11.59
C ALA C 112 15.26 -14.21 10.12
N PRO C 113 15.74 -13.33 9.24
CA PRO C 113 15.48 -13.45 7.81
C PRO C 113 16.23 -14.62 7.16
N THR C 114 15.60 -15.22 6.17
CA THR C 114 16.20 -16.12 5.19
C THR C 114 16.68 -15.25 4.03
N VAL C 115 17.99 -15.22 3.80
CA VAL C 115 18.62 -14.29 2.90
C VAL C 115 19.09 -15.03 1.64
N SER C 116 18.68 -14.53 0.48
CA SER C 116 19.09 -15.10 -0.82
C SER C 116 19.63 -13.95 -1.70
N ILE C 117 20.77 -14.17 -2.35
CA ILE C 117 21.37 -13.20 -3.26
C ILE C 117 21.31 -13.74 -4.70
N PHE C 118 21.10 -12.85 -5.65
CA PHE C 118 21.01 -13.21 -7.07
C PHE C 118 21.84 -12.26 -7.90
N PRO C 119 22.78 -12.79 -8.68
CA PRO C 119 23.44 -11.97 -9.69
C PRO C 119 22.47 -11.43 -10.74
N PRO C 120 22.93 -10.46 -11.52
CA PRO C 120 22.18 -10.04 -12.71
C PRO C 120 21.96 -11.29 -13.57
N SER C 121 20.76 -11.41 -14.09
CA SER C 121 20.43 -12.48 -15.02
C SER C 121 21.12 -12.26 -16.36
N SER C 122 21.40 -13.37 -17.07
CA SER C 122 21.93 -13.28 -18.45
C SER C 122 21.02 -12.41 -19.32
N GLU C 123 19.71 -12.56 -19.13
CA GLU C 123 18.70 -11.78 -19.84
C GLU C 123 18.87 -10.29 -19.64
N GLN C 124 19.07 -9.87 -18.40
CA GLN C 124 19.25 -8.44 -18.15
C GLN C 124 20.57 -7.95 -18.70
N LEU C 125 21.61 -8.75 -18.56
CA LEU C 125 22.92 -8.34 -19.09
C LEU C 125 22.86 -8.14 -20.62
N THR C 126 22.10 -9.01 -21.29
CA THR C 126 21.88 -8.91 -22.74
C THR C 126 21.19 -7.62 -23.14
N SER C 127 20.22 -7.20 -22.31
CA SER C 127 19.44 -5.98 -22.55
C SER C 127 20.24 -4.74 -22.22
N GLY C 128 21.35 -4.93 -21.52
CA GLY C 128 22.30 -3.86 -21.23
C GLY C 128 22.30 -3.28 -19.82
N GLY C 129 21.58 -3.90 -18.90
CA GLY C 129 21.56 -3.42 -17.53
C GLY C 129 22.15 -4.44 -16.57
N ALA C 130 22.15 -4.13 -15.29
CA ALA C 130 22.63 -5.08 -14.30
C ALA C 130 22.13 -4.66 -12.93
N SER C 131 21.29 -5.50 -12.35
CA SER C 131 20.77 -5.31 -11.01
C SER C 131 21.12 -6.56 -10.20
N VAL C 132 21.57 -6.37 -8.97
CA VAL C 132 21.83 -7.46 -8.02
C VAL C 132 20.69 -7.42 -7.00
N VAL C 133 20.12 -8.56 -6.70
CA VAL C 133 18.96 -8.61 -5.81
C VAL C 133 19.24 -9.47 -4.59
N CYS C 134 18.76 -9.00 -3.45
CA CYS C 134 18.81 -9.74 -2.22
C CYS C 134 17.38 -9.77 -1.64
N PHE C 135 16.87 -10.97 -1.38
CA PHE C 135 15.61 -11.07 -0.62
C PHE C 135 15.94 -11.39 0.83
N LEU C 136 15.32 -10.65 1.75
CA LEU C 136 15.38 -10.90 3.18
C LEU C 136 13.99 -11.32 3.57
N ASN C 137 13.76 -12.63 3.68
CA ASN C 137 12.41 -13.17 3.73
C ASN C 137 12.00 -13.75 5.08
N ASN C 138 10.73 -13.49 5.43
CA ASN C 138 10.07 -14.13 6.56
C ASN C 138 10.74 -13.83 7.93
N PHE C 139 10.91 -12.57 8.23
CA PHE C 139 11.48 -12.12 9.48
C PHE C 139 10.47 -11.31 10.32
N TYR C 140 10.80 -11.15 11.60
CA TYR C 140 9.98 -10.38 12.50
C TYR C 140 10.82 -9.94 13.69
N PRO C 141 10.73 -8.69 14.16
CA PRO C 141 9.86 -7.62 13.66
C PRO C 141 10.37 -6.93 12.37
N LYS C 142 9.63 -5.90 11.94
CA LYS C 142 9.82 -5.30 10.61
C LYS C 142 11.16 -4.63 10.40
N ASP C 143 11.71 -4.06 11.45
CA ASP C 143 12.93 -3.26 11.26
C ASP C 143 14.09 -4.16 10.89
N ILE C 144 14.80 -3.79 9.83
CA ILE C 144 15.97 -4.55 9.40
C ILE C 144 16.85 -3.59 8.62
N ASN C 145 18.16 -3.81 8.63
CA ASN C 145 19.05 -3.00 7.81
C ASN C 145 19.78 -3.94 6.87
N VAL C 146 19.93 -3.50 5.64
CA VAL C 146 20.68 -4.22 4.63
C VAL C 146 21.85 -3.31 4.23
N LYS C 147 23.01 -3.93 4.04
CA LYS C 147 24.21 -3.24 3.55
C LYS C 147 24.74 -4.02 2.35
N TRP C 148 25.01 -3.31 1.26
CA TRP C 148 25.63 -3.88 0.08
C TRP C 148 27.12 -3.55 0.11
N LYS C 149 27.96 -4.50 -0.25
CA LYS C 149 29.35 -4.20 -0.58
C LYS C 149 29.73 -4.78 -1.94
N ILE C 150 30.54 -4.03 -2.65
CA ILE C 150 31.14 -4.45 -3.90
C ILE C 150 32.65 -4.43 -3.67
N ASP C 151 33.28 -5.59 -3.87
CA ASP C 151 34.70 -5.76 -3.59
C ASP C 151 35.04 -5.20 -2.22
N GLY C 152 34.16 -5.46 -1.25
CA GLY C 152 34.34 -5.07 0.13
C GLY C 152 34.06 -3.63 0.50
N SER C 153 33.78 -2.76 -0.47
CA SER C 153 33.42 -1.36 -0.26
C SER C 153 31.91 -1.20 -0.18
N GLU C 154 31.42 -0.56 0.87
CA GLU C 154 29.98 -0.34 1.00
C GLU C 154 29.48 0.56 -0.10
N ARG C 155 28.31 0.20 -0.65
CA ARG C 155 27.63 0.96 -1.71
C ARG C 155 26.22 1.36 -1.25
N GLN C 156 25.87 2.65 -1.35
CA GLN C 156 24.56 3.17 -0.93
C GLN C 156 23.67 3.67 -2.09
N ASN C 157 24.27 4.31 -3.07
CA ASN C 157 23.52 4.82 -4.21
C ASN C 157 22.99 3.67 -5.07
N GLY C 158 21.81 3.83 -5.65
CA GLY C 158 21.27 2.84 -6.58
C GLY C 158 20.53 1.73 -5.86
N VAL C 159 20.34 1.83 -4.55
CA VAL C 159 19.62 0.79 -3.77
C VAL C 159 18.13 1.06 -3.56
N LEU C 160 17.29 0.08 -3.91
CA LEU C 160 15.83 0.15 -3.75
C LEU C 160 15.45 -0.94 -2.73
N ASN C 161 14.93 -0.52 -1.58
CA ASN C 161 14.46 -1.44 -0.55
C ASN C 161 12.95 -1.38 -0.42
N SER C 162 12.30 -2.53 -0.60
CA SER C 162 10.83 -2.60 -0.55
C SER C 162 10.38 -3.67 0.45
N TRP C 163 9.53 -3.27 1.41
CA TRP C 163 8.94 -4.18 2.40
C TRP C 163 7.53 -4.62 2.00
N THR C 164 7.23 -5.90 2.20
CA THR C 164 5.86 -6.37 2.16
C THR C 164 5.07 -5.82 3.37
N ASP C 165 3.75 -5.79 3.23
CA ASP C 165 2.89 -5.70 4.39
C ASP C 165 2.98 -7.06 5.12
N GLN C 166 2.52 -7.07 6.36
CA GLN C 166 2.65 -8.23 7.18
C GLN C 166 1.95 -9.40 6.49
N ASP C 167 2.62 -10.55 6.48
CA ASP C 167 2.15 -11.75 5.80
C ASP C 167 0.85 -12.25 6.36
N SER C 168 -0.11 -12.52 5.47
CA SER C 168 -1.45 -12.97 5.85
C SER C 168 -1.43 -14.28 6.57
N LYS C 169 -0.46 -15.12 6.27
CA LYS C 169 -0.40 -16.46 6.80
C LYS C 169 0.48 -16.56 8.04
N ASP C 170 1.73 -16.11 7.96
CA ASP C 170 2.69 -16.36 9.04
C ASP C 170 3.09 -15.15 9.84
N SER C 171 2.49 -14.01 9.53
CA SER C 171 2.70 -12.77 10.30
C SER C 171 4.12 -12.17 10.28
N THR C 172 4.94 -12.64 9.34
CA THR C 172 6.28 -12.06 9.14
C THR C 172 6.25 -10.90 8.12
N TYR C 173 7.41 -10.28 7.97
CA TYR C 173 7.70 -9.33 6.95
C TYR C 173 8.81 -9.91 6.06
N SER C 174 8.87 -9.37 4.85
CA SER C 174 9.94 -9.64 3.91
C SER C 174 10.35 -8.34 3.28
N MET C 175 11.60 -8.25 2.85
CA MET C 175 12.07 -7.06 2.17
C MET C 175 12.91 -7.48 0.99
N SER C 176 12.78 -6.76 -0.12
CA SER C 176 13.58 -7.00 -1.31
C SER C 176 14.50 -5.79 -1.45
N SER C 177 15.80 -6.04 -1.59
CA SER C 177 16.78 -4.98 -1.80
C SER C 177 17.43 -5.20 -3.16
N THR C 178 17.33 -4.21 -4.03
CA THR C 178 17.86 -4.30 -5.39
C THR C 178 18.90 -3.21 -5.56
N LEU C 179 20.10 -3.62 -5.98
CA LEU C 179 21.19 -2.69 -6.21
C LEU C 179 21.31 -2.58 -7.71
N THR C 180 20.95 -1.42 -8.26
CA THR C 180 21.00 -1.23 -9.70
C THR C 180 22.29 -0.54 -10.09
N LEU C 181 23.05 -1.24 -10.92
CA LEU C 181 24.35 -0.77 -11.42
C LEU C 181 24.22 -0.42 -12.87
N THR C 182 25.35 -0.50 -13.59
CA THR C 182 25.35 -0.53 -15.02
C THR C 182 26.11 -1.76 -15.44
N LYS C 183 25.93 -2.14 -16.68
CA LYS C 183 26.59 -3.31 -17.25
C LYS C 183 28.11 -3.18 -17.09
N ASP C 184 28.68 -2.04 -17.50
CA ASP C 184 30.11 -1.86 -17.33
C ASP C 184 30.59 -1.90 -15.88
N GLU C 185 29.81 -1.33 -14.94
CA GLU C 185 30.26 -1.36 -13.54
C GLU C 185 30.19 -2.77 -13.04
N TYR C 186 29.10 -3.46 -13.31
CA TYR C 186 29.02 -4.86 -12.90
C TYR C 186 30.22 -5.66 -13.38
N GLU C 187 30.64 -5.44 -14.62
CA GLU C 187 31.73 -6.25 -15.18
C GLU C 187 33.11 -5.88 -14.60
N ARG C 188 33.22 -4.70 -13.97
CA ARG C 188 34.47 -4.26 -13.38
C ARG C 188 34.74 -4.86 -12.02
N HIS C 189 33.73 -5.48 -11.41
CA HIS C 189 33.85 -5.94 -10.02
C HIS C 189 33.53 -7.44 -9.91
N ASN C 190 34.20 -8.10 -8.98
CA ASN C 190 33.99 -9.53 -8.81
C ASN C 190 33.14 -9.95 -7.63
N SER C 191 33.34 -9.33 -6.49
CA SER C 191 32.65 -9.73 -5.23
C SER C 191 31.43 -8.83 -4.93
N TYR C 192 30.26 -9.46 -4.69
CA TYR C 192 29.02 -8.79 -4.33
C TYR C 192 28.46 -9.43 -3.07
N THR C 193 28.22 -8.62 -2.06
CA THR C 193 27.74 -9.08 -0.78
C THR C 193 26.53 -8.28 -0.33
N CYS C 194 25.53 -8.97 0.23
CA CYS C 194 24.51 -8.26 0.97
C CYS C 194 24.50 -8.79 2.41
N GLU C 195 24.41 -7.86 3.36
CA GLU C 195 24.54 -8.14 4.78
C GLU C 195 23.29 -7.66 5.49
N ALA C 196 22.59 -8.59 6.14
CA ALA C 196 21.38 -8.23 6.88
C ALA C 196 21.63 -8.22 8.38
N THR C 197 21.28 -7.12 8.99
CA THR C 197 21.40 -6.93 10.45
C THR C 197 19.99 -6.81 10.99
N HIS C 198 19.66 -7.67 11.94
CA HIS C 198 18.31 -7.76 12.51
C HIS C 198 18.41 -8.05 14.00
N LYS C 199 17.40 -7.65 14.78
CA LYS C 199 17.51 -7.71 16.24
C LYS C 199 17.75 -9.12 16.76
N THR C 200 17.43 -10.13 15.96
CA THR C 200 17.59 -11.53 16.33
C THR C 200 19.05 -11.95 16.51
N SER C 201 20.00 -11.15 16.05
CA SER C 201 21.43 -11.43 16.26
C SER C 201 22.32 -10.19 16.13
N THR C 202 23.40 -10.16 16.93
CA THR C 202 24.44 -9.13 16.86
C THR C 202 25.27 -9.27 15.58
N SER C 203 25.27 -10.47 15.03
CA SER C 203 26.01 -10.79 13.83
C SER C 203 25.13 -10.65 12.62
N PRO C 204 25.60 -9.96 11.59
CA PRO C 204 24.84 -9.94 10.34
C PRO C 204 24.83 -11.29 9.64
N ILE C 205 23.75 -11.52 8.90
CA ILE C 205 23.66 -12.67 8.02
C ILE C 205 24.21 -12.18 6.70
N VAL C 206 25.24 -12.87 6.18
CA VAL C 206 25.96 -12.41 4.98
C VAL C 206 25.73 -13.43 3.86
N LYS C 207 25.35 -12.93 2.69
CA LYS C 207 25.33 -13.74 1.48
C LYS C 207 26.14 -13.03 0.43
N SER C 208 26.89 -13.80 -0.33
CA SER C 208 27.78 -13.23 -1.33
C SER C 208 27.89 -14.12 -2.55
N PHE C 209 28.30 -13.56 -3.67
CA PHE C 209 28.82 -14.36 -4.76
C PHE C 209 30.05 -13.66 -5.33
N ASN C 210 30.86 -14.45 -6.02
CA ASN C 210 32.05 -13.97 -6.70
C ASN C 210 31.98 -14.42 -8.16
N ARG C 211 32.14 -13.49 -9.07
CA ARG C 211 32.10 -13.86 -10.50
C ARG C 211 33.19 -14.80 -10.95
N ASN C 212 34.30 -14.87 -10.21
CA ASN C 212 35.39 -15.79 -10.53
C ASN C 212 35.02 -17.25 -10.24
N GLU C 213 34.00 -17.46 -9.42
CA GLU C 213 33.51 -18.80 -9.15
C GLU C 213 32.54 -19.20 -10.26
N CYS C 214 31.46 -18.43 -10.36
CA CYS C 214 30.44 -18.56 -11.40
C CYS C 214 29.50 -17.36 -11.27
#